data_1ZHI
#
_entry.id   1ZHI
#
_cell.length_a   72.151
_cell.length_b   72.151
_cell.length_c   310.890
_cell.angle_alpha   90.00
_cell.angle_beta   90.00
_cell.angle_gamma   120.00
#
_symmetry.space_group_name_H-M   'P 61 2 2'
#
loop_
_entity.id
_entity.type
_entity.pdbx_description
1 polymer 'Origin recognition complex subunit 1'
2 polymer 'Regulatory protein SIR1'
3 water water
#
loop_
_entity_poly.entity_id
_entity_poly.type
_entity_poly.pdbx_seq_one_letter_code
_entity_poly.pdbx_strand_id
1 'polypeptide(L)'
;GSHMASMAKTLKDLQGWEIITTDEQGNIIDGGQKRLRRRGAKTEHYLKRSSDGIKLGRGDSVVMHNEAAGTYSVYMIQEL
RLNTLNNVVELWALTYLRWFEVNPLAHYRQFNPDANILNRPLNYYNKLFSETANKNELYLTAELAELQLFNFIRVANVMD
GSKWEVLKGNVDPERDFTVRYICEPTGEKFVDINIEDVKAYIKKVEPREAQEYLKDLTLPSKKKE
;
A
2 'polypeptide(L)'
;GSHMASEKKFSTEEEYVSPRFLVADGFLIDLAEEKPINPKDPRLLTLLKDHQRAMIDQMNLVKWNDFKKYQDPIPLKAKT
LFKFCKQIKKKFLRGADFKLHTLPTEANLKYEPERMTVLASCVPILLDDQTVQYLYDD
;
B
#
# COMPACT_ATOMS: atom_id res chain seq x y z
N GLY A 16 23.66 -8.18 0.24
CA GLY A 16 23.53 -9.47 -0.50
C GLY A 16 23.09 -9.31 -1.95
N TRP A 17 23.34 -8.12 -2.50
CA TRP A 17 23.05 -7.84 -3.89
C TRP A 17 24.35 -7.57 -4.61
N GLU A 18 24.48 -8.04 -5.84
CA GLU A 18 25.67 -7.78 -6.66
C GLU A 18 25.41 -6.72 -7.72
N ILE A 19 26.47 -6.07 -8.18
CA ILE A 19 26.39 -5.15 -9.30
C ILE A 19 26.89 -5.86 -10.54
N ILE A 20 26.14 -5.78 -11.62
CA ILE A 20 26.61 -6.32 -12.88
C ILE A 20 26.56 -5.26 -13.95
N THR A 21 27.71 -5.01 -14.56
CA THR A 21 27.83 -4.04 -15.63
C THR A 21 28.08 -4.77 -16.95
N THR A 22 27.43 -4.31 -18.01
CA THR A 22 27.56 -4.92 -19.32
C THR A 22 27.76 -3.84 -20.36
N ASP A 23 28.35 -4.19 -21.51
CA ASP A 23 28.24 -3.33 -22.69
C ASP A 23 26.80 -3.39 -23.22
N GLU A 24 26.63 -3.34 -24.53
CA GLU A 24 25.34 -3.63 -25.13
C GLU A 24 25.25 -5.14 -25.38
N GLN A 25 25.11 -5.90 -24.30
CA GLN A 25 24.94 -7.37 -24.31
C GLN A 25 25.75 -8.10 -23.23
N GLY A 26 26.99 -8.45 -23.53
CA GLY A 26 27.82 -9.26 -22.66
C GLY A 26 28.35 -8.49 -21.46
N ASN A 27 28.69 -9.22 -20.40
CA ASN A 27 29.18 -8.60 -19.17
C ASN A 27 30.61 -8.09 -19.31
N ILE A 28 30.95 -7.09 -18.51
CA ILE A 28 32.31 -6.60 -18.38
C ILE A 28 32.87 -7.08 -17.05
N ILE A 29 34.14 -7.49 -17.04
CA ILE A 29 34.81 -7.91 -15.81
C ILE A 29 35.18 -6.70 -14.93
N ASP A 30 35.50 -6.96 -13.66
CA ASP A 30 36.16 -5.96 -12.82
C ASP A 30 37.68 -6.00 -13.05
N GLY A 31 38.20 -4.95 -13.71
CA GLY A 31 39.61 -4.83 -14.00
C GLY A 31 39.94 -3.55 -14.75
N GLY A 32 38.89 -2.83 -15.14
CA GLY A 32 39.06 -1.58 -15.87
C GLY A 32 37.75 -0.84 -16.05
N THR A 43 27.13 1.58 -21.58
CA THR A 43 27.33 0.57 -20.54
C THR A 43 26.17 0.52 -19.53
N GLU A 44 25.50 -0.64 -19.45
CA GLU A 44 24.32 -0.82 -18.60
C GLU A 44 24.67 -1.39 -17.22
N HIS A 45 23.88 -1.02 -16.22
CA HIS A 45 24.01 -1.63 -14.89
C HIS A 45 22.72 -2.35 -14.51
N TYR A 46 22.85 -3.52 -13.88
CA TYR A 46 21.71 -4.12 -13.20
C TYR A 46 22.13 -4.82 -11.91
N LEU A 47 21.16 -5.06 -11.02
CA LEU A 47 21.43 -5.72 -9.76
C LEU A 47 20.95 -7.15 -9.79
N LYS A 48 21.75 -8.04 -9.20
CA LYS A 48 21.39 -9.46 -9.08
C LYS A 48 21.44 -9.87 -7.63
N ARG A 49 20.42 -10.60 -7.19
CA ARG A 49 20.37 -11.11 -5.83
C ARG A 49 21.03 -12.48 -5.76
N SER A 50 21.89 -12.68 -4.76
CA SER A 50 22.62 -13.94 -4.61
C SER A 50 21.70 -15.13 -4.27
N SER A 51 20.75 -14.90 -3.36
CA SER A 51 19.74 -15.89 -2.95
C SER A 51 19.13 -16.67 -4.11
N ASP A 52 18.35 -15.98 -4.96
CA ASP A 52 17.61 -16.64 -6.04
C ASP A 52 18.12 -16.34 -7.45
N GLY A 53 18.43 -15.07 -7.71
CA GLY A 53 18.80 -14.65 -9.05
C GLY A 53 17.86 -13.60 -9.61
N ILE A 54 17.08 -12.97 -8.72
CA ILE A 54 16.31 -11.79 -9.10
C ILE A 54 17.25 -10.84 -9.83
N LYS A 55 16.87 -10.44 -11.04
CA LYS A 55 17.54 -9.35 -11.73
C LYS A 55 16.69 -8.08 -11.67
N LEU A 56 17.34 -6.96 -11.37
CA LEU A 56 16.67 -5.67 -11.33
C LEU A 56 17.42 -4.69 -12.20
N GLY A 57 16.71 -4.10 -13.16
CA GLY A 57 17.28 -3.06 -13.98
C GLY A 57 16.22 -2.10 -14.51
N ARG A 58 16.69 -1.12 -15.29
CA ARG A 58 15.81 -0.15 -15.92
C ARG A 58 14.62 -0.81 -16.57
N GLY A 59 13.43 -0.41 -16.15
CA GLY A 59 12.20 -0.95 -16.71
C GLY A 59 11.48 -1.92 -15.81
N ASP A 60 12.19 -2.54 -14.88
CA ASP A 60 11.58 -3.44 -13.91
C ASP A 60 10.81 -2.68 -12.84
N SER A 61 9.73 -3.28 -12.37
CA SER A 61 8.95 -2.67 -11.30
C SER A 61 9.10 -3.45 -10.00
N VAL A 62 9.20 -2.73 -8.88
CA VAL A 62 9.45 -3.33 -7.58
C VAL A 62 8.46 -2.84 -6.54
N VAL A 63 8.01 -3.78 -5.70
CA VAL A 63 7.21 -3.46 -4.53
C VAL A 63 8.16 -3.12 -3.36
N MET A 64 7.96 -1.93 -2.78
CA MET A 64 8.91 -1.41 -1.77
C MET A 64 8.23 -1.11 -0.46
N HIS A 65 8.88 -1.42 0.65
CA HIS A 65 8.34 -1.03 1.94
C HIS A 65 8.44 0.49 2.08
N ASN A 66 7.33 1.11 2.44
CA ASN A 66 7.27 2.54 2.62
C ASN A 66 6.88 2.86 4.05
N GLU A 67 7.90 3.05 4.90
CA GLU A 67 7.69 3.26 6.33
C GLU A 67 6.85 4.51 6.69
N ALA A 68 6.95 5.56 5.88
CA ALA A 68 6.29 6.83 6.18
C ALA A 68 4.81 6.76 5.81
N ALA A 69 4.51 6.09 4.71
CA ALA A 69 3.14 5.90 4.29
C ALA A 69 2.42 4.79 5.10
N GLY A 70 3.17 3.93 5.78
CA GLY A 70 2.59 2.84 6.55
C GLY A 70 1.98 1.75 5.69
N THR A 71 2.37 1.70 4.41
CA THR A 71 1.88 0.72 3.44
C THR A 71 2.95 0.64 2.36
N TYR A 72 2.81 -0.27 1.39
CA TYR A 72 3.89 -0.46 0.41
C TYR A 72 3.71 0.46 -0.78
N SER A 73 4.81 0.70 -1.50
CA SER A 73 4.77 1.47 -2.74
C SER A 73 5.30 0.64 -3.87
N VAL A 74 4.89 0.98 -5.10
CA VAL A 74 5.48 0.39 -6.30
C VAL A 74 6.23 1.45 -7.11
N TYR A 75 7.37 1.06 -7.68
CA TYR A 75 8.12 1.93 -8.59
C TYR A 75 8.60 1.17 -9.80
N MET A 76 8.85 1.91 -10.88
CA MET A 76 9.60 1.38 -12.03
C MET A 76 11.02 1.89 -11.95
N ILE A 77 11.99 0.99 -11.90
CA ILE A 77 13.39 1.39 -11.92
C ILE A 77 13.70 2.25 -13.16
N GLN A 78 14.33 3.39 -12.93
CA GLN A 78 14.63 4.35 -14.00
C GLN A 78 16.14 4.55 -14.21
N GLU A 79 16.94 4.42 -13.16
CA GLU A 79 18.40 4.45 -13.31
C GLU A 79 19.14 3.79 -12.15
N LEU A 80 20.06 2.90 -12.47
CA LEU A 80 21.02 2.40 -11.51
C LEU A 80 22.29 3.22 -11.58
N ARG A 81 22.26 4.38 -10.94
CA ARG A 81 23.38 5.32 -10.97
C ARG A 81 24.52 4.78 -10.13
N LEU A 82 25.62 4.42 -10.78
CA LEU A 82 26.85 4.11 -10.08
C LEU A 82 27.51 5.41 -9.68
N ASN A 83 27.63 5.60 -8.37
CA ASN A 83 28.02 6.86 -7.78
C ASN A 83 29.50 6.83 -7.42
N THR A 84 30.37 7.09 -8.40
CA THR A 84 31.81 7.12 -8.15
C THR A 84 32.16 8.22 -7.14
N LEU A 85 31.24 9.19 -7.03
CA LEU A 85 31.18 10.13 -5.91
C LEU A 85 31.43 9.43 -4.55
N ASN A 86 31.22 8.11 -4.53
CA ASN A 86 30.98 7.35 -3.31
C ASN A 86 31.69 5.99 -3.32
N ASN A 87 31.74 5.37 -4.50
CA ASN A 87 31.87 3.91 -4.63
C ASN A 87 30.61 3.21 -4.08
N VAL A 88 29.44 3.81 -4.35
CA VAL A 88 28.14 3.27 -3.91
C VAL A 88 27.06 3.40 -4.99
N VAL A 89 26.01 2.57 -4.89
CA VAL A 89 24.99 2.48 -5.93
C VAL A 89 23.67 3.14 -5.56
N GLU A 90 23.24 4.10 -6.37
CA GLU A 90 21.96 4.75 -6.18
C GLU A 90 20.93 4.14 -7.11
N LEU A 91 19.83 3.65 -6.53
CA LEU A 91 18.78 3.03 -7.30
C LEU A 91 17.62 4.03 -7.43
N TRP A 92 17.55 4.69 -8.57
CA TRP A 92 16.51 5.70 -8.80
C TRP A 92 15.38 5.10 -9.58
N ALA A 93 14.15 5.39 -9.17
CA ALA A 93 12.97 4.83 -9.81
C ALA A 93 11.80 5.84 -9.98
N LEU A 94 10.92 5.55 -10.94
CA LEU A 94 9.70 6.33 -11.17
C LEU A 94 8.59 5.81 -10.26
N THR A 95 7.88 6.73 -9.61
CA THR A 95 6.90 6.40 -8.58
C THR A 95 5.54 6.09 -9.17
N TYR A 96 4.98 4.92 -8.84
CA TYR A 96 3.57 4.61 -9.15
C TYR A 96 2.64 5.17 -8.07
N LEU A 97 1.44 5.57 -8.47
CA LEU A 97 0.36 5.83 -7.50
C LEU A 97 -0.47 4.57 -7.32
N ARG A 98 -0.86 4.31 -6.10
CA ARG A 98 -1.88 3.31 -5.84
C ARG A 98 -3.22 3.99 -5.74
N TRP A 99 -4.26 3.17 -5.80
CA TRP A 99 -5.61 3.67 -5.96
C TRP A 99 -5.98 4.76 -4.95
N PHE A 100 -5.54 4.60 -3.71
CA PHE A 100 -5.95 5.52 -2.63
C PHE A 100 -5.22 6.88 -2.70
N GLU A 101 -4.27 7.00 -3.61
CA GLU A 101 -3.52 8.24 -3.83
C GLU A 101 -4.07 9.03 -5.02
N VAL A 102 -5.11 8.49 -5.65
CA VAL A 102 -5.85 9.21 -6.69
C VAL A 102 -6.67 10.34 -6.04
N ASN A 103 -6.77 11.47 -6.74
CA ASN A 103 -7.70 12.52 -6.37
C ASN A 103 -9.07 12.21 -7.00
N PRO A 104 -9.96 11.66 -6.18
CA PRO A 104 -11.19 11.03 -6.69
C PRO A 104 -12.14 12.02 -7.31
N LEU A 105 -12.05 13.27 -6.89
CA LEU A 105 -12.84 14.34 -7.48
C LEU A 105 -12.28 14.74 -8.84
N ALA A 106 -10.96 14.96 -8.89
CA ALA A 106 -10.26 15.23 -10.14
C ALA A 106 -10.45 14.11 -11.17
N HIS A 107 -10.41 12.87 -10.70
CA HIS A 107 -10.60 11.72 -11.58
C HIS A 107 -12.02 11.70 -12.18
N TYR A 108 -13.02 11.87 -11.32
CA TYR A 108 -14.43 11.88 -11.71
C TYR A 108 -14.75 13.03 -12.70
N ARG A 109 -14.36 14.25 -12.32
CA ARG A 109 -14.57 15.43 -13.15
C ARG A 109 -13.98 15.29 -14.54
N GLN A 110 -12.82 14.63 -14.63
CA GLN A 110 -12.17 14.42 -15.91
C GLN A 110 -12.95 13.44 -16.78
N PHE A 111 -13.35 12.32 -16.19
CA PHE A 111 -14.01 11.24 -16.95
C PHE A 111 -15.54 11.41 -17.07
N ASN A 112 -16.11 12.29 -16.26
CA ASN A 112 -17.45 12.81 -16.51
C ASN A 112 -17.40 14.33 -16.74
N PRO A 113 -17.24 14.78 -17.98
CA PRO A 113 -17.31 16.21 -18.35
C PRO A 113 -18.52 17.02 -17.77
N ASP A 114 -19.73 16.46 -17.75
CA ASP A 114 -20.87 17.09 -17.04
C ASP A 114 -20.69 16.96 -15.51
N ALA A 115 -19.54 16.42 -15.11
CA ALA A 115 -19.17 16.37 -13.70
C ALA A 115 -17.99 17.31 -13.34
N ASN A 116 -17.89 18.44 -14.05
CA ASN A 116 -17.23 19.62 -13.48
C ASN A 116 -18.27 20.62 -12.90
N ILE A 117 -19.56 20.35 -13.18
CA ILE A 117 -20.70 20.95 -12.44
C ILE A 117 -21.33 19.88 -11.52
N LEU A 118 -20.79 19.76 -10.30
CA LEU A 118 -21.21 18.72 -9.35
C LEU A 118 -22.32 19.19 -8.41
N ASN A 119 -22.75 18.28 -7.52
CA ASN A 119 -23.74 18.58 -6.47
C ASN A 119 -23.69 17.57 -5.31
N ARG A 120 -22.65 16.75 -5.28
CA ARG A 120 -22.50 15.71 -4.25
C ARG A 120 -21.54 16.16 -3.13
N PRO A 121 -21.57 15.51 -1.99
CA PRO A 121 -20.58 15.74 -0.93
C PRO A 121 -19.22 15.20 -1.33
N LEU A 122 -18.15 15.82 -0.83
CA LEU A 122 -16.79 15.39 -1.19
C LEU A 122 -16.50 13.92 -0.76
N ASN A 123 -17.17 13.46 0.29
CA ASN A 123 -16.95 12.11 0.79
C ASN A 123 -17.63 11.02 -0.01
N TYR A 124 -18.67 11.39 -0.73
CA TYR A 124 -19.31 10.48 -1.67
C TYR A 124 -18.32 10.04 -2.75
N TYR A 125 -17.48 10.97 -3.19
CA TYR A 125 -16.47 10.66 -4.20
C TYR A 125 -15.38 9.76 -3.68
N ASN A 126 -15.07 9.88 -2.38
CA ASN A 126 -14.15 8.96 -1.71
C ASN A 126 -14.70 7.54 -1.65
N LYS A 127 -15.98 7.40 -1.26
CA LYS A 127 -16.64 6.10 -1.22
C LYS A 127 -16.74 5.46 -2.60
N LEU A 128 -17.14 6.26 -3.60
CA LEU A 128 -17.26 5.78 -4.97
C LEU A 128 -15.95 5.26 -5.54
N PHE A 129 -14.87 6.03 -5.38
CA PHE A 129 -13.59 5.56 -5.89
C PHE A 129 -13.07 4.33 -5.16
N SER A 130 -13.00 4.41 -3.85
CA SER A 130 -12.57 3.26 -3.04
C SER A 130 -13.36 1.96 -3.37
N GLU A 131 -14.63 2.11 -3.74
CA GLU A 131 -15.53 0.96 -3.90
C GLU A 131 -15.53 0.36 -5.31
N THR A 132 -15.07 1.11 -6.30
CA THR A 132 -15.15 0.64 -7.70
C THR A 132 -13.80 0.51 -8.39
N ALA A 133 -12.78 1.13 -7.83
CA ALA A 133 -11.42 1.06 -8.36
C ALA A 133 -10.87 -0.34 -8.31
N ASN A 134 -10.10 -0.70 -9.33
CA ASN A 134 -9.26 -1.87 -9.30
C ASN A 134 -8.05 -1.57 -8.42
N LYS A 135 -8.01 -2.20 -7.26
CA LYS A 135 -6.97 -1.93 -6.26
C LYS A 135 -5.55 -2.33 -6.70
N ASN A 136 -5.45 -3.06 -7.83
CA ASN A 136 -4.16 -3.42 -8.42
C ASN A 136 -3.88 -2.69 -9.74
N GLU A 137 -4.69 -1.68 -10.01
CA GLU A 137 -4.34 -0.73 -11.04
C GLU A 137 -3.41 0.35 -10.45
N LEU A 138 -2.22 0.47 -11.04
CA LEU A 138 -1.30 1.53 -10.71
C LEU A 138 -1.41 2.68 -11.71
N TYR A 139 -0.90 3.85 -11.32
CA TYR A 139 -0.82 5.00 -12.21
C TYR A 139 0.62 5.48 -12.19
N LEU A 140 1.26 5.45 -13.36
CA LEU A 140 2.62 5.96 -13.49
C LEU A 140 2.69 7.42 -13.11
N THR A 141 3.80 7.85 -12.52
CA THR A 141 4.13 9.27 -12.45
C THR A 141 5.58 9.52 -12.87
N ALA A 142 5.90 10.79 -13.13
CA ALA A 142 7.24 11.18 -13.53
C ALA A 142 8.15 11.50 -12.33
N GLU A 143 7.65 11.24 -11.11
CA GLU A 143 8.40 11.57 -9.89
C GLU A 143 9.38 10.49 -9.45
N LEU A 144 10.65 10.87 -9.39
CA LEU A 144 11.74 9.99 -9.01
C LEU A 144 11.85 9.79 -7.49
N ALA A 145 12.18 8.57 -7.09
CA ALA A 145 12.54 8.30 -5.71
C ALA A 145 13.87 7.54 -5.69
N GLU A 146 14.71 7.81 -4.69
CA GLU A 146 15.85 6.95 -4.39
C GLU A 146 15.28 5.81 -3.60
N LEU A 147 15.58 4.59 -4.00
CA LEU A 147 15.10 3.42 -3.29
C LEU A 147 16.25 2.77 -2.55
N GLN A 148 15.98 2.31 -1.33
CA GLN A 148 16.98 1.55 -0.61
C GLN A 148 16.66 0.06 -0.64
N LEU A 149 17.68 -0.71 -1.04
CA LEU A 149 17.55 -2.16 -1.20
C LEU A 149 16.99 -2.88 0.02
N PHE A 150 17.39 -2.47 1.22
CA PHE A 150 16.83 -3.08 2.42
C PHE A 150 15.30 -2.91 2.57
N ASN A 151 14.69 -2.01 1.78
CA ASN A 151 13.23 -1.87 1.76
C ASN A 151 12.54 -2.67 0.66
N PHE A 152 13.32 -3.36 -0.16
CA PHE A 152 12.78 -4.12 -1.28
C PHE A 152 11.97 -5.29 -0.75
N ILE A 153 10.73 -5.41 -1.22
CA ILE A 153 9.88 -6.56 -0.88
C ILE A 153 9.87 -7.67 -1.98
N ARG A 154 9.64 -7.27 -3.23
CA ARG A 154 9.54 -8.23 -4.34
C ARG A 154 9.38 -7.50 -5.68
N VAL A 155 9.54 -8.24 -6.78
CA VAL A 155 9.34 -7.69 -8.11
C VAL A 155 7.85 -7.53 -8.40
N ALA A 156 7.50 -6.39 -8.98
CA ALA A 156 6.13 -6.17 -9.44
C ALA A 156 6.00 -6.67 -10.85
N ASN A 157 4.87 -7.31 -11.11
CA ASN A 157 4.50 -7.73 -12.44
C ASN A 157 3.53 -6.70 -12.99
N VAL A 158 4.03 -5.76 -13.78
CA VAL A 158 3.21 -4.64 -14.26
C VAL A 158 2.87 -4.75 -15.76
N MET A 159 1.60 -5.02 -16.06
CA MET A 159 1.15 -5.34 -17.41
C MET A 159 0.13 -4.30 -17.91
N ASP A 160 -0.10 -4.23 -19.22
CA ASP A 160 -1.09 -3.30 -19.76
C ASP A 160 -2.51 -3.82 -19.67
N GLY A 161 -3.47 -2.96 -20.04
CA GLY A 161 -4.89 -3.25 -19.86
C GLY A 161 -5.37 -4.51 -20.54
N SER A 162 -4.75 -4.84 -21.68
CA SER A 162 -5.10 -6.04 -22.44
C SER A 162 -4.58 -7.30 -21.75
N LYS A 163 -3.26 -7.35 -21.49
CA LYS A 163 -2.65 -8.43 -20.74
C LYS A 163 -3.37 -8.72 -19.41
N TRP A 164 -4.04 -7.71 -18.86
CA TRP A 164 -4.79 -7.83 -17.60
C TRP A 164 -6.17 -8.50 -17.78
N GLU A 165 -6.72 -8.42 -18.98
CA GLU A 165 -7.97 -9.11 -19.29
C GLU A 165 -7.73 -10.63 -19.36
N VAL A 166 -6.60 -10.99 -19.98
CA VAL A 166 -6.10 -12.38 -20.02
C VAL A 166 -6.17 -13.06 -18.63
N LEU A 167 -5.68 -12.36 -17.59
CA LEU A 167 -5.39 -13.00 -16.30
C LEU A 167 -6.54 -12.95 -15.28
N LYS A 168 -7.50 -12.05 -15.49
CA LYS A 168 -8.60 -11.76 -14.54
C LYS A 168 -8.72 -12.71 -13.32
N GLY A 169 -9.20 -13.92 -13.56
CA GLY A 169 -9.49 -14.86 -12.47
C GLY A 169 -8.28 -15.65 -11.98
N ASN A 170 -7.09 -15.11 -12.19
CA ASN A 170 -5.84 -15.80 -11.80
C ASN A 170 -4.72 -14.80 -11.55
N VAL A 171 -5.04 -13.71 -10.87
CA VAL A 171 -4.03 -12.74 -10.51
C VAL A 171 -3.64 -12.86 -9.05
N ASP A 172 -2.38 -12.55 -8.77
CA ASP A 172 -1.86 -12.52 -7.42
C ASP A 172 -1.78 -11.03 -6.98
N PRO A 173 -2.68 -10.64 -6.08
CA PRO A 173 -2.85 -9.22 -5.72
C PRO A 173 -1.59 -8.59 -5.08
N GLU A 174 -0.57 -9.41 -4.89
CA GLU A 174 0.66 -8.96 -4.26
C GLU A 174 1.81 -8.68 -5.23
N ARG A 175 1.68 -9.22 -6.44
CA ARG A 175 2.70 -9.07 -7.49
C ARG A 175 2.12 -8.43 -8.74
N ASP A 176 0.87 -8.77 -9.07
CA ASP A 176 0.31 -8.44 -10.39
C ASP A 176 -0.39 -7.11 -10.40
N PHE A 177 0.02 -6.26 -11.34
CA PHE A 177 -0.50 -4.90 -11.44
C PHE A 177 -0.71 -4.49 -12.88
N THR A 178 -1.72 -3.65 -13.09
CA THR A 178 -1.98 -3.12 -14.42
C THR A 178 -1.90 -1.58 -14.45
N VAL A 179 -1.41 -1.04 -15.56
CA VAL A 179 -1.36 0.42 -15.76
C VAL A 179 -2.07 0.88 -17.05
N ARG A 180 -2.91 1.91 -16.92
CA ARG A 180 -3.52 2.58 -18.08
C ARG A 180 -2.99 4.00 -18.29
N TYR A 181 -2.56 4.66 -17.19
CA TYR A 181 -2.27 6.08 -17.24
C TYR A 181 -0.95 6.47 -16.58
N ILE A 182 -0.33 7.51 -17.13
CA ILE A 182 0.55 8.38 -16.36
C ILE A 182 -0.32 9.53 -15.87
N CYS A 183 0.01 10.08 -14.71
CA CYS A 183 -0.69 11.24 -14.19
C CYS A 183 0.23 12.04 -13.29
N GLU A 184 -0.28 13.16 -12.80
CA GLU A 184 0.49 14.01 -11.90
C GLU A 184 0.57 13.35 -10.54
N PRO A 185 1.67 13.60 -9.81
CA PRO A 185 1.86 13.03 -8.46
C PRO A 185 0.71 13.37 -7.48
N THR A 186 -0.06 14.41 -7.78
CA THR A 186 -1.19 14.76 -6.94
C THR A 186 -2.44 13.90 -7.23
N GLY A 187 -2.31 12.96 -8.16
CA GLY A 187 -3.40 12.05 -8.50
C GLY A 187 -4.44 12.64 -9.43
N GLU A 188 -3.99 13.49 -10.36
CA GLU A 188 -4.88 14.08 -11.35
C GLU A 188 -4.22 14.20 -12.71
N LYS A 189 -5.01 14.59 -13.70
CA LYS A 189 -4.55 14.71 -15.10
C LYS A 189 -4.06 13.37 -15.64
N PHE A 190 -5.00 12.52 -16.04
CA PHE A 190 -4.73 11.16 -16.47
C PHE A 190 -4.55 11.05 -17.99
N VAL A 191 -3.43 10.47 -18.41
CA VAL A 191 -3.10 10.36 -19.82
C VAL A 191 -2.80 8.90 -20.17
N ASP A 192 -3.55 8.36 -21.13
CA ASP A 192 -3.40 6.97 -21.58
C ASP A 192 -1.98 6.70 -22.03
N ILE A 193 -1.36 5.65 -21.51
CA ILE A 193 -0.04 5.25 -21.97
C ILE A 193 0.02 3.75 -22.24
N ASN A 194 0.88 3.35 -23.18
CA ASN A 194 1.27 1.95 -23.28
C ASN A 194 2.46 1.68 -22.38
N ILE A 195 2.18 1.08 -21.21
CA ILE A 195 3.21 0.78 -20.23
C ILE A 195 4.39 -0.06 -20.80
N GLU A 196 4.09 -1.07 -21.62
CA GLU A 196 5.14 -1.87 -22.24
C GLU A 196 6.04 -1.01 -23.11
N ASP A 197 5.45 0.01 -23.73
CA ASP A 197 6.22 0.99 -24.51
C ASP A 197 7.05 1.89 -23.62
N VAL A 198 6.58 2.14 -22.39
CA VAL A 198 7.32 2.98 -21.42
C VAL A 198 8.56 2.28 -20.89
N LYS A 199 8.42 0.98 -20.58
CA LYS A 199 9.55 0.17 -20.13
C LYS A 199 10.68 0.21 -21.17
N ALA A 200 10.30 0.00 -22.44
CA ALA A 200 11.26 -0.03 -23.54
C ALA A 200 11.87 1.34 -23.83
N TYR A 201 11.08 2.39 -23.66
CA TYR A 201 11.61 3.75 -23.72
C TYR A 201 12.61 4.04 -22.58
N ILE A 202 12.25 3.64 -21.35
CA ILE A 202 13.07 3.90 -20.18
C ILE A 202 14.42 3.19 -20.27
N LYS A 203 14.44 2.01 -20.88
CA LYS A 203 15.69 1.25 -20.97
C LYS A 203 16.51 1.57 -22.22
N LYS A 204 16.01 2.51 -23.01
CA LYS A 204 16.70 2.93 -24.22
C LYS A 204 17.38 4.29 -24.01
N VAL A 205 16.58 5.32 -23.74
CA VAL A 205 17.10 6.69 -23.72
C VAL A 205 17.76 7.09 -22.40
N GLU A 206 18.50 8.20 -22.46
CA GLU A 206 19.08 8.83 -21.28
C GLU A 206 18.03 9.07 -20.22
N PRO A 207 18.35 8.71 -18.97
CA PRO A 207 17.45 8.95 -17.83
C PRO A 207 16.91 10.37 -17.79
N ARG A 208 17.78 11.38 -17.88
CA ARG A 208 17.38 12.78 -17.74
C ARG A 208 16.36 13.17 -18.79
N GLU A 209 16.59 12.71 -20.02
CA GLU A 209 15.69 12.91 -21.15
C GLU A 209 14.37 12.17 -20.95
N ALA A 210 14.47 10.95 -20.42
CA ALA A 210 13.33 10.08 -20.22
C ALA A 210 12.35 10.71 -19.22
N GLN A 211 12.87 11.12 -18.08
CA GLN A 211 12.06 11.70 -17.02
C GLN A 211 11.42 13.01 -17.45
N GLU A 212 12.19 13.85 -18.13
CA GLU A 212 11.71 15.14 -18.57
C GLU A 212 10.58 15.00 -19.60
N TYR A 213 10.67 13.97 -20.44
CA TYR A 213 9.63 13.71 -21.44
C TYR A 213 8.34 13.24 -20.81
N LEU A 214 8.45 12.28 -19.89
CA LEU A 214 7.30 11.78 -19.16
C LEU A 214 6.68 12.89 -18.32
N LYS A 215 7.51 13.83 -17.89
CA LYS A 215 7.04 14.99 -17.14
C LYS A 215 6.16 15.93 -18.01
N ASP A 216 6.48 16.01 -19.31
CA ASP A 216 5.74 16.86 -20.23
C ASP A 216 4.40 16.24 -20.67
N LEU A 217 4.27 14.92 -20.51
CA LEU A 217 3.07 14.20 -20.95
C LEU A 217 1.77 14.63 -20.27
N THR A 218 1.87 15.32 -19.13
CA THR A 218 0.68 15.68 -18.36
C THR A 218 0.43 17.20 -18.29
N LEU A 219 1.06 17.96 -19.18
CA LEU A 219 0.97 19.43 -19.12
C LEU A 219 0.25 20.04 -20.33
N PRO A 220 -0.64 21.02 -20.09
CA PRO A 220 -1.34 21.73 -21.16
C PRO A 220 -0.46 22.78 -21.83
N GLU B 14 -20.63 5.49 9.07
CA GLU B 14 -19.75 5.23 7.90
C GLU B 14 -19.38 6.54 7.18
N GLU B 15 -18.13 6.96 7.34
CA GLU B 15 -17.64 8.13 6.63
C GLU B 15 -16.25 7.88 6.02
N TYR B 16 -16.18 8.04 4.70
CA TYR B 16 -14.94 7.91 3.94
C TYR B 16 -14.24 9.26 3.89
N VAL B 17 -13.40 9.51 4.87
CA VAL B 17 -12.82 10.83 5.01
C VAL B 17 -11.74 11.09 3.96
N SER B 18 -11.22 10.00 3.39
CA SER B 18 -10.39 10.06 2.17
C SER B 18 -10.58 8.72 1.47
N PRO B 19 -9.99 8.51 0.30
CA PRO B 19 -10.07 7.18 -0.35
C PRO B 19 -9.38 6.07 0.47
N ARG B 20 -8.44 6.43 1.34
CA ARG B 20 -7.75 5.43 2.14
C ARG B 20 -8.45 5.15 3.46
N PHE B 21 -9.06 6.18 4.03
CA PHE B 21 -9.49 6.14 5.41
C PHE B 21 -10.99 6.14 5.61
N LEU B 22 -11.44 5.08 6.29
CA LEU B 22 -12.85 4.87 6.56
C LEU B 22 -13.06 5.04 8.04
N VAL B 23 -14.03 5.87 8.40
CA VAL B 23 -14.51 5.90 9.78
C VAL B 23 -15.84 5.17 9.90
N ALA B 24 -15.87 4.18 10.78
CA ALA B 24 -17.05 3.36 10.99
C ALA B 24 -17.03 2.68 12.36
N ASP B 25 -18.17 2.70 13.04
CA ASP B 25 -18.28 2.06 14.35
C ASP B 25 -17.24 2.60 15.35
N GLY B 26 -16.97 3.90 15.32
CA GLY B 26 -16.00 4.49 16.22
C GLY B 26 -14.56 4.00 15.99
N PHE B 27 -14.28 3.47 14.79
CA PHE B 27 -12.92 3.09 14.43
C PHE B 27 -12.43 3.77 13.17
N LEU B 28 -11.13 4.04 13.11
CA LEU B 28 -10.52 4.53 11.90
C LEU B 28 -9.91 3.33 11.21
N ILE B 29 -10.35 3.09 9.98
CA ILE B 29 -9.97 1.92 9.21
C ILE B 29 -9.10 2.34 8.04
N ASP B 30 -7.88 1.78 8.00
CA ASP B 30 -6.92 2.03 6.92
C ASP B 30 -7.14 0.99 5.85
N LEU B 31 -7.69 1.41 4.71
CA LEU B 31 -8.18 0.44 3.72
C LEU B 31 -7.08 -0.13 2.81
N ALA B 32 -5.88 0.45 2.87
CA ALA B 32 -4.72 -0.12 2.18
C ALA B 32 -4.17 -1.34 2.93
N GLU B 33 -4.15 -1.22 4.27
CA GLU B 33 -3.60 -2.27 5.15
C GLU B 33 -4.70 -3.18 5.67
N GLU B 34 -5.95 -2.78 5.44
CA GLU B 34 -7.12 -3.55 5.85
C GLU B 34 -7.06 -3.82 7.35
N LYS B 35 -6.92 -2.73 8.09
CA LYS B 35 -6.69 -2.79 9.53
C LYS B 35 -6.99 -1.43 10.20
N PRO B 36 -7.47 -1.47 11.46
CA PRO B 36 -7.74 -0.25 12.23
C PRO B 36 -6.49 0.48 12.63
N ILE B 37 -6.60 1.80 12.75
CA ILE B 37 -5.48 2.64 13.13
C ILE B 37 -5.86 3.44 14.35
N ASN B 38 -5.00 3.47 15.35
CA ASN B 38 -5.14 4.44 16.42
C ASN B 38 -5.36 5.87 15.83
N PRO B 39 -6.48 6.51 16.18
CA PRO B 39 -6.72 7.89 15.71
C PRO B 39 -5.62 8.84 16.17
N LYS B 40 -4.88 8.46 17.20
CA LYS B 40 -3.78 9.27 17.72
C LYS B 40 -2.41 8.83 17.18
N ASP B 41 -2.42 7.93 16.19
CA ASP B 41 -1.20 7.47 15.52
C ASP B 41 -0.41 8.65 14.89
N PRO B 42 0.83 8.85 15.31
CA PRO B 42 1.64 9.96 14.75
C PRO B 42 1.71 9.94 13.21
N ARG B 43 1.65 8.75 12.61
CA ARG B 43 1.72 8.59 11.17
C ARG B 43 0.65 9.39 10.40
N LEU B 44 -0.46 9.71 11.06
CA LEU B 44 -1.52 10.48 10.45
C LEU B 44 -1.09 11.94 10.21
N LEU B 45 -0.12 12.40 10.99
CA LEU B 45 0.48 13.72 10.75
C LEU B 45 1.14 13.82 9.37
N THR B 46 1.45 12.67 8.78
CA THR B 46 2.02 12.60 7.46
C THR B 46 0.93 12.40 6.39
N LEU B 47 -0.12 11.66 6.73
CA LEU B 47 -1.06 11.18 5.74
C LEU B 47 -2.31 12.06 5.53
N LEU B 48 -2.81 12.69 6.60
CA LEU B 48 -4.07 13.42 6.50
C LEU B 48 -3.90 14.87 6.01
N LYS B 49 -4.87 15.33 5.21
CA LYS B 49 -5.00 16.77 4.90
C LYS B 49 -5.71 17.46 6.07
N ASP B 50 -5.60 18.77 6.14
CA ASP B 50 -6.33 19.55 7.15
C ASP B 50 -7.81 19.15 7.30
N HIS B 51 -8.55 19.21 6.20
CA HIS B 51 -9.99 19.00 6.21
C HIS B 51 -10.37 17.58 6.65
N GLN B 52 -9.47 16.63 6.38
CA GLN B 52 -9.67 15.23 6.77
C GLN B 52 -9.38 15.00 8.27
N ARG B 53 -8.35 15.65 8.79
CA ARG B 53 -8.10 15.62 10.23
C ARG B 53 -9.27 16.28 10.98
N ALA B 54 -9.69 17.46 10.51
CA ALA B 54 -10.86 18.15 11.04
C ALA B 54 -12.06 17.23 11.16
N MET B 55 -12.35 16.49 10.09
CA MET B 55 -13.51 15.58 10.07
C MET B 55 -13.42 14.56 11.17
N ILE B 56 -12.22 14.03 11.37
CA ILE B 56 -12.00 12.94 12.33
C ILE B 56 -12.12 13.44 13.77
N ASP B 57 -11.72 14.70 14.01
CA ASP B 57 -11.76 15.30 15.33
C ASP B 57 -13.18 15.60 15.79
N GLN B 58 -14.07 15.83 14.83
CA GLN B 58 -15.48 16.07 15.09
C GLN B 58 -16.24 14.75 15.21
N MET B 59 -15.52 13.63 15.12
CA MET B 59 -16.15 12.37 14.80
C MET B 59 -16.36 11.42 15.97
N ASN B 60 -15.73 11.68 17.11
CA ASN B 60 -16.04 10.89 18.32
C ASN B 60 -15.65 9.41 18.16
N LEU B 61 -14.38 9.10 18.40
CA LEU B 61 -13.89 7.76 18.12
C LEU B 61 -13.56 7.01 19.40
N VAL B 62 -13.48 5.69 19.32
CA VAL B 62 -13.06 4.87 20.45
C VAL B 62 -11.61 5.21 20.83
N LYS B 63 -11.38 5.47 22.11
CA LYS B 63 -10.03 5.71 22.59
C LYS B 63 -9.29 4.40 22.83
N TRP B 64 -8.18 4.21 22.12
CA TRP B 64 -7.39 2.97 22.20
C TRP B 64 -6.74 2.74 23.57
N ASN B 65 -6.63 3.80 24.36
CA ASN B 65 -6.08 3.67 25.71
C ASN B 65 -6.96 2.87 26.67
N ASP B 66 -8.27 2.90 26.46
CA ASP B 66 -9.22 2.14 27.29
C ASP B 66 -9.01 0.64 27.15
N PHE B 67 -8.12 0.24 26.23
CA PHE B 67 -7.83 -1.15 25.94
C PHE B 67 -6.68 -1.69 26.80
N LYS B 68 -5.87 -0.77 27.32
CA LYS B 68 -4.52 -1.06 27.82
C LYS B 68 -4.39 -2.16 28.87
N LYS B 69 -5.33 -2.21 29.81
CA LYS B 69 -5.22 -3.17 30.90
C LYS B 69 -6.43 -4.11 30.97
N TYR B 70 -7.17 -4.20 29.86
CA TYR B 70 -8.11 -5.31 29.63
C TYR B 70 -7.27 -6.56 29.44
N GLN B 71 -7.56 -7.61 30.19
CA GLN B 71 -6.72 -8.81 30.11
C GLN B 71 -7.23 -9.80 29.07
N ASP B 72 -8.52 -9.72 28.75
CA ASP B 72 -9.10 -10.60 27.75
C ASP B 72 -9.30 -9.88 26.43
N PRO B 73 -9.59 -10.61 25.35
CA PRO B 73 -9.92 -9.98 24.04
C PRO B 73 -11.16 -9.07 24.13
N ILE B 74 -11.38 -8.26 23.10
CA ILE B 74 -12.45 -7.24 23.13
C ILE B 74 -13.59 -7.57 22.16
N PRO B 75 -14.76 -7.87 22.72
CA PRO B 75 -15.97 -8.07 21.91
C PRO B 75 -16.51 -6.75 21.36
N LEU B 76 -16.98 -6.75 20.11
CA LEU B 76 -17.55 -5.54 19.51
C LEU B 76 -18.73 -5.83 18.64
N LYS B 77 -19.68 -4.91 18.63
CA LYS B 77 -20.60 -4.76 17.52
C LYS B 77 -19.95 -3.74 16.56
N ALA B 78 -19.32 -4.24 15.50
CA ALA B 78 -18.66 -3.36 14.53
C ALA B 78 -18.63 -4.00 13.15
N LYS B 79 -19.79 -4.08 12.53
CA LYS B 79 -19.96 -4.83 11.29
C LYS B 79 -19.00 -4.41 10.18
N THR B 80 -18.85 -3.10 10.00
CA THR B 80 -17.98 -2.56 8.97
C THR B 80 -16.52 -2.91 9.26
N LEU B 81 -16.12 -2.77 10.53
CA LEU B 81 -14.75 -3.08 10.89
C LEU B 81 -14.37 -4.52 10.49
N PHE B 82 -15.20 -5.49 10.83
CA PHE B 82 -14.89 -6.88 10.53
C PHE B 82 -15.00 -7.22 9.05
N LYS B 83 -15.83 -6.48 8.35
CA LYS B 83 -15.98 -6.59 6.91
C LYS B 83 -14.72 -6.14 6.17
N PHE B 84 -14.16 -4.98 6.56
CA PHE B 84 -13.04 -4.39 5.83
C PHE B 84 -11.65 -4.75 6.38
N CYS B 85 -11.59 -5.44 7.52
CA CYS B 85 -10.28 -5.77 8.12
C CYS B 85 -9.86 -7.23 7.98
N LYS B 86 -8.57 -7.42 7.65
CA LYS B 86 -7.94 -8.73 7.66
C LYS B 86 -8.02 -9.34 9.04
N GLN B 87 -8.30 -10.64 9.09
CA GLN B 87 -8.44 -11.31 10.35
C GLN B 87 -7.48 -12.46 10.47
N ILE B 88 -6.98 -12.68 11.67
CA ILE B 88 -6.19 -13.89 11.94
C ILE B 88 -6.98 -14.80 12.87
N LYS B 89 -6.64 -16.08 12.86
CA LYS B 89 -7.19 -17.02 13.82
C LYS B 89 -6.22 -17.17 14.99
N LYS B 90 -6.72 -17.02 16.20
CA LYS B 90 -5.88 -17.11 17.41
C LYS B 90 -6.48 -18.09 18.44
N LYS B 91 -5.60 -18.75 19.20
CA LYS B 91 -6.03 -19.68 20.25
C LYS B 91 -6.54 -18.91 21.47
N PHE B 92 -7.79 -19.21 21.88
CA PHE B 92 -8.41 -18.59 23.04
C PHE B 92 -9.15 -19.62 23.84
N LEU B 93 -9.45 -19.29 25.10
CA LEU B 93 -10.41 -20.03 25.88
C LEU B 93 -11.82 -19.43 25.70
N ARG B 94 -12.78 -20.27 25.35
CA ARG B 94 -14.16 -19.83 25.17
C ARG B 94 -14.94 -20.24 26.40
N GLY B 95 -15.64 -19.28 26.99
CA GLY B 95 -16.48 -19.55 28.15
C GLY B 95 -17.83 -20.13 27.75
N ALA B 96 -18.69 -20.34 28.74
CA ALA B 96 -20.02 -20.93 28.53
C ALA B 96 -20.94 -19.93 27.84
N ASP B 97 -20.65 -18.65 28.08
CA ASP B 97 -21.38 -17.52 27.48
C ASP B 97 -20.82 -17.13 26.09
N PHE B 98 -19.74 -17.79 25.67
CA PHE B 98 -19.08 -17.58 24.37
C PHE B 98 -18.11 -16.37 24.28
N LYS B 99 -17.90 -15.69 25.40
CA LYS B 99 -16.81 -14.71 25.50
C LYS B 99 -15.46 -15.43 25.42
N LEU B 100 -14.51 -14.84 24.71
CA LEU B 100 -13.15 -15.36 24.66
C LEU B 100 -12.28 -14.83 25.82
N HIS B 101 -11.37 -15.68 26.28
CA HIS B 101 -10.41 -15.32 27.32
C HIS B 101 -9.02 -15.72 26.86
N THR B 102 -8.02 -14.93 27.26
CA THR B 102 -6.62 -15.23 27.00
C THR B 102 -6.22 -16.59 27.60
N LEU B 103 -5.50 -17.38 26.83
CA LEU B 103 -4.84 -18.58 27.34
C LEU B 103 -3.70 -18.20 28.29
N PRO B 104 -3.72 -18.74 29.51
CA PRO B 104 -2.55 -18.64 30.40
C PRO B 104 -1.38 -19.43 29.83
N THR B 105 -0.23 -18.77 29.63
CA THR B 105 0.97 -19.43 29.14
C THR B 105 1.67 -20.21 30.26
N GLU B 106 0.85 -20.96 31.02
CA GLU B 106 1.28 -21.81 32.12
C GLU B 106 0.08 -22.28 32.93
N ALA B 107 0.30 -23.28 33.78
CA ALA B 107 -0.78 -23.90 34.57
C ALA B 107 -1.54 -22.87 35.40
N ASN B 108 -2.87 -22.93 35.33
CA ASN B 108 -3.72 -22.02 36.11
C ASN B 108 -4.50 -22.69 37.27
N LEU B 109 -4.65 -24.02 37.22
CA LEU B 109 -5.07 -24.83 38.38
C LEU B 109 -6.55 -24.79 38.75
N LYS B 110 -7.21 -23.66 38.51
CA LYS B 110 -8.61 -23.52 38.94
C LYS B 110 -9.59 -24.25 38.04
N TYR B 111 -10.38 -25.13 38.67
CA TYR B 111 -11.40 -25.92 37.99
C TYR B 111 -12.33 -25.02 37.17
N GLU B 112 -12.23 -25.13 35.85
CA GLU B 112 -13.16 -24.47 34.95
C GLU B 112 -13.55 -25.40 33.80
N PRO B 113 -14.42 -26.36 34.09
CA PRO B 113 -14.79 -27.40 33.12
C PRO B 113 -15.58 -26.86 31.93
N GLU B 114 -16.15 -25.67 32.08
CA GLU B 114 -17.00 -25.13 31.03
C GLU B 114 -16.26 -24.19 30.05
N ARG B 115 -14.96 -23.98 30.29
CA ARG B 115 -14.13 -23.15 29.41
C ARG B 115 -13.23 -24.02 28.56
N MET B 116 -13.26 -23.81 27.25
CA MET B 116 -12.56 -24.69 26.32
C MET B 116 -11.72 -23.95 25.27
N THR B 117 -10.59 -24.54 24.89
CA THR B 117 -9.71 -23.98 23.87
C THR B 117 -10.40 -23.93 22.52
N VAL B 118 -10.25 -22.79 21.84
CA VAL B 118 -10.93 -22.50 20.59
C VAL B 118 -9.99 -21.69 19.69
N LEU B 119 -9.99 -22.00 18.40
CA LEU B 119 -9.32 -21.14 17.41
C LEU B 119 -10.31 -20.12 16.88
N ALA B 120 -10.19 -18.87 17.29
CA ALA B 120 -11.18 -17.86 16.93
C ALA B 120 -10.61 -16.79 15.99
N SER B 121 -11.48 -16.27 15.11
CA SER B 121 -11.13 -15.18 14.19
C SER B 121 -11.18 -13.86 14.92
N CYS B 122 -10.13 -13.05 14.75
CA CYS B 122 -10.05 -11.76 15.43
C CYS B 122 -9.21 -10.75 14.65
N VAL B 123 -9.26 -9.50 15.10
CA VAL B 123 -8.47 -8.42 14.52
C VAL B 123 -7.45 -7.92 15.55
N PRO B 124 -6.17 -8.16 15.26
CA PRO B 124 -5.09 -7.69 16.13
C PRO B 124 -4.89 -6.20 16.01
N ILE B 125 -4.70 -5.54 17.15
CA ILE B 125 -4.31 -4.15 17.14
C ILE B 125 -3.10 -3.94 18.02
N LEU B 126 -2.10 -3.24 17.49
CA LEU B 126 -0.91 -2.91 18.27
C LEU B 126 -1.21 -1.68 19.12
N LEU B 127 -1.16 -1.86 20.43
CA LEU B 127 -1.43 -0.75 21.34
C LEU B 127 -0.20 0.11 21.56
N ASP B 128 -0.46 1.40 21.84
CA ASP B 128 0.54 2.39 22.32
C ASP B 128 1.85 1.81 22.82
N ASP B 129 1.74 0.86 23.76
CA ASP B 129 2.87 0.36 24.51
C ASP B 129 3.34 -1.05 24.07
N GLN B 130 3.16 -1.34 22.77
CA GLN B 130 3.65 -2.59 22.17
C GLN B 130 2.87 -3.81 22.63
N THR B 131 1.80 -3.56 23.39
CA THR B 131 0.88 -4.62 23.81
C THR B 131 -0.09 -4.92 22.67
N VAL B 132 -0.35 -6.19 22.43
CA VAL B 132 -1.28 -6.57 21.37
C VAL B 132 -2.66 -6.92 21.94
N GLN B 133 -3.69 -6.32 21.37
CA GLN B 133 -5.06 -6.69 21.69
C GLN B 133 -5.79 -7.26 20.50
N TYR B 134 -6.95 -7.84 20.77
CA TYR B 134 -7.74 -8.54 19.76
C TYR B 134 -9.19 -8.17 19.83
N LEU B 135 -9.72 -7.71 18.71
CA LEU B 135 -11.14 -7.42 18.59
C LEU B 135 -11.85 -8.56 17.88
N TYR B 136 -13.02 -8.93 18.39
CA TYR B 136 -13.87 -9.97 17.78
C TYR B 136 -15.34 -9.57 17.97
N ASP B 137 -16.25 -10.01 17.07
CA ASP B 137 -17.70 -9.80 17.34
C ASP B 137 -18.33 -10.93 18.10
N ASP B 138 -18.92 -10.57 19.24
CA ASP B 138 -19.41 -11.50 20.25
C ASP B 138 -20.37 -12.54 19.68
#